data_8ARJ
#
_entry.id   8ARJ
#
_cell.length_a   51.714
_cell.length_b   56.593
_cell.length_c   103.243
_cell.angle_alpha   90.000
_cell.angle_beta   90.000
_cell.angle_gamma   90.000
#
_symmetry.space_group_name_H-M   'P 21 21 21'
#
loop_
_entity.id
_entity.type
_entity.pdbx_description
1 polymer 'ALK tyrosine kinase receptor'
2 non-polymer 3-(dimethylamino)-1-[3-[4-(4-methylpiperazin-1-yl)phenyl]-9~{H}-pyrido[2,3-b]indol-6-yl]prop-2-en-1-one
3 water water
#
_entity_poly.entity_id   1
_entity_poly.type   'polypeptide(L)'
_entity_poly.pdbx_seq_one_letter_code
;GSNPNYCFAGKTSSISDLKEVPRKNITLIRGLGHGAFGEVYEGQVSGMPNDPSPLQVAVKTLPEVCSEQDELDFLMEALI
ISKFNHQNIVRCIGVSLQSLPRFILLELMAGGDLKSFLRETRPRPSQPSSLAMLDLLHVARDIACGCQYLEENHFIHRDI
AARNCLLTCPGPGRVAKIGDFGMARDIYRASYYRKGGCAMLPVKWMPPEAFMEGIFTSKTDTWSFGVLLWEIFSLGYMPY
PSKSNQEVLEFVTSGGRMDPPKNCPGPVYRIMTQCWQHQPEDRPNFAIILERIEYCTQDPDVINTALPIEYGPLVEEEEK
V
;
_entity_poly.pdbx_strand_id   A
#
# COMPACT_ATOMS: atom_id res chain seq x y z
N SER A 13 16.98 15.40 -7.08
CA SER A 13 17.49 14.03 -6.78
C SER A 13 18.51 13.63 -7.85
N SER A 14 19.65 13.10 -7.40
CA SER A 14 20.68 12.59 -8.27
C SER A 14 21.10 11.19 -7.81
N ILE A 15 21.61 10.38 -8.76
CA ILE A 15 22.23 9.10 -8.44
C ILE A 15 23.30 9.32 -7.38
N SER A 16 23.78 10.57 -7.30
CA SER A 16 24.79 10.98 -6.33
C SER A 16 24.40 10.62 -4.90
N ASP A 17 23.11 10.85 -4.54
CA ASP A 17 22.64 10.59 -3.19
C ASP A 17 22.41 9.08 -2.99
N LEU A 18 22.21 8.32 -4.09
CA LEU A 18 22.05 6.87 -3.99
C LEU A 18 23.36 6.22 -3.51
N LYS A 19 23.32 5.63 -2.31
CA LYS A 19 24.49 4.98 -1.73
C LYS A 19 24.67 3.65 -2.47
N GLU A 20 25.81 3.49 -3.14
CA GLU A 20 26.16 2.27 -3.85
C GLU A 20 26.81 1.34 -2.83
N VAL A 21 26.28 0.12 -2.68
CA VAL A 21 26.80 -0.84 -1.73
C VAL A 21 27.61 -1.87 -2.52
N PRO A 22 28.92 -2.04 -2.23
CA PRO A 22 29.76 -2.99 -2.96
C PRO A 22 29.07 -4.35 -2.91
N ARG A 23 28.95 -4.99 -4.05
CA ARG A 23 28.22 -6.24 -4.13
C ARG A 23 28.84 -7.29 -3.21
N LYS A 24 30.13 -7.18 -2.92
CA LYS A 24 30.80 -8.18 -2.09
C LYS A 24 30.30 -8.11 -0.65
N ASN A 25 29.66 -6.99 -0.25
CA ASN A 25 29.14 -6.82 1.12
C ASN A 25 27.71 -7.35 1.27
N ILE A 26 27.13 -7.90 0.18
CA ILE A 26 25.73 -8.31 0.14
C ILE A 26 25.63 -9.82 -0.04
N THR A 27 24.81 -10.46 0.82
CA THR A 27 24.48 -11.88 0.82
C THR A 27 22.95 -12.07 0.82
N LEU A 28 22.43 -12.89 -0.12
CA LEU A 28 21.02 -13.29 -0.11
C LEU A 28 20.84 -14.46 0.87
N ILE A 29 19.77 -14.42 1.70
CA ILE A 29 19.48 -15.41 2.74
C ILE A 29 18.37 -16.36 2.29
N ARG A 30 17.25 -15.83 1.77
CA ARG A 30 16.10 -16.64 1.34
C ARG A 30 15.25 -15.80 0.39
N GLY A 31 14.45 -16.46 -0.46
CA GLY A 31 13.37 -15.80 -1.17
C GLY A 31 12.23 -15.46 -0.21
N LEU A 32 11.41 -14.46 -0.60
CA LEU A 32 10.30 -13.96 0.20
C LEU A 32 9.01 -13.94 -0.62
N GLY A 33 9.13 -13.48 -1.87
CA GLY A 33 8.01 -13.43 -2.80
C GLY A 33 8.47 -13.23 -4.24
N HIS A 34 7.70 -13.79 -5.19
CA HIS A 34 7.97 -13.68 -6.61
C HIS A 34 7.38 -12.35 -7.14
N GLU A 39 11.75 -10.31 -8.14
CA GLU A 39 11.48 -10.99 -6.85
C GLU A 39 12.21 -10.27 -5.71
N VAL A 40 11.78 -10.56 -4.48
CA VAL A 40 12.35 -9.98 -3.27
C VAL A 40 12.99 -11.09 -2.46
N TYR A 41 14.21 -10.82 -1.96
CA TYR A 41 14.96 -11.72 -1.09
C TYR A 41 15.22 -11.03 0.23
N GLU A 42 15.34 -11.81 1.31
CA GLU A 42 15.97 -11.32 2.52
C GLU A 42 17.48 -11.36 2.31
N GLY A 43 18.17 -10.32 2.80
CA GLY A 43 19.59 -10.13 2.58
C GLY A 43 20.26 -9.55 3.82
N GLN A 44 21.60 -9.50 3.76
CA GLN A 44 22.47 -8.93 4.78
C GLN A 44 23.57 -8.13 4.09
N VAL A 45 23.98 -6.99 4.68
CA VAL A 45 25.10 -6.21 4.17
C VAL A 45 26.10 -5.91 5.30
N PRO A 54 25.97 -6.24 10.86
CA PRO A 54 25.38 -7.05 9.78
C PRO A 54 23.91 -6.67 9.55
N LEU A 55 23.67 -5.82 8.55
CA LEU A 55 22.38 -5.16 8.37
C LEU A 55 21.44 -6.03 7.52
N GLN A 56 20.30 -6.47 8.11
CA GLN A 56 19.34 -7.30 7.41
C GLN A 56 18.43 -6.39 6.58
N VAL A 57 18.00 -6.89 5.43
CA VAL A 57 17.57 -6.04 4.33
C VAL A 57 16.66 -6.88 3.43
N ALA A 58 15.71 -6.22 2.73
CA ALA A 58 15.02 -6.78 1.59
C ALA A 58 15.78 -6.35 0.35
N VAL A 59 15.99 -7.30 -0.56
CA VAL A 59 16.71 -7.05 -1.79
C VAL A 59 15.72 -7.21 -2.95
N LYS A 60 15.43 -6.14 -3.66
CA LYS A 60 14.59 -6.21 -4.85
C LYS A 60 15.55 -6.34 -6.03
N THR A 61 15.34 -7.35 -6.87
CA THR A 61 16.27 -7.66 -7.96
C THR A 61 15.68 -7.27 -9.31
N LEU A 62 16.52 -6.69 -10.18
CA LEU A 62 16.15 -6.44 -11.56
C LEU A 62 16.59 -7.64 -12.40
N PRO A 63 15.67 -8.37 -13.08
CA PRO A 63 16.05 -9.48 -13.97
C PRO A 63 17.15 -9.09 -14.95
N GLU A 64 18.13 -9.98 -15.09
CA GLU A 64 19.18 -9.81 -16.11
C GLU A 64 18.52 -9.89 -17.49
N VAL A 65 17.51 -10.74 -17.63
CA VAL A 65 16.71 -10.77 -18.85
C VAL A 65 15.62 -9.71 -18.71
N CYS A 66 15.95 -8.43 -18.97
CA CYS A 66 15.01 -7.31 -18.79
C CYS A 66 15.11 -6.33 -19.96
N SER A 67 13.99 -5.64 -20.26
CA SER A 67 13.94 -4.65 -21.33
C SER A 67 14.74 -3.41 -20.95
N GLU A 68 15.06 -2.57 -21.94
CA GLU A 68 15.78 -1.31 -21.69
C GLU A 68 14.95 -0.40 -20.79
N GLN A 69 13.62 -0.40 -21.00
CA GLN A 69 12.73 0.40 -20.19
C GLN A 69 12.78 -0.08 -18.75
N ASP A 70 12.85 -1.41 -18.56
CA ASP A 70 12.82 -1.99 -17.23
C ASP A 70 13.99 -1.44 -16.41
N GLU A 71 15.17 -1.28 -17.04
CA GLU A 71 16.37 -0.82 -16.34
C GLU A 71 16.20 0.60 -15.81
N LEU A 72 15.73 1.54 -16.66
CA LEU A 72 15.57 2.93 -16.24
C LEU A 72 14.52 3.04 -15.13
N ASP A 73 13.45 2.23 -15.25
CA ASP A 73 12.43 2.10 -14.22
C ASP A 73 13.08 1.78 -12.88
N PHE A 74 13.82 0.67 -12.82
CA PHE A 74 14.52 0.21 -11.64
C PHE A 74 15.30 1.34 -10.95
N LEU A 75 15.98 2.16 -11.76
CA LEU A 75 16.75 3.31 -11.25
C LEU A 75 15.81 4.39 -10.73
N MET A 76 14.69 4.56 -11.42
CA MET A 76 13.65 5.50 -11.06
C MET A 76 13.08 5.14 -9.69
N GLU A 77 12.82 3.85 -9.49
CA GLU A 77 12.25 3.38 -8.24
C GLU A 77 13.15 3.76 -7.06
N ALA A 78 14.49 3.64 -7.24
CA ALA A 78 15.44 3.86 -6.17
C ALA A 78 15.52 5.34 -5.82
N LEU A 79 15.60 6.21 -6.84
CA LEU A 79 15.55 7.66 -6.66
C LEU A 79 14.29 8.06 -5.89
N ILE A 80 13.14 7.54 -6.34
CA ILE A 80 11.84 7.90 -5.78
C ILE A 80 11.84 7.56 -4.30
N ILE A 81 12.04 6.29 -3.92
CA ILE A 81 12.04 5.89 -2.52
C ILE A 81 13.09 6.66 -1.70
N SER A 82 14.27 6.92 -2.30
CA SER A 82 15.38 7.54 -1.58
C SER A 82 15.07 8.97 -1.21
N LYS A 83 14.14 9.62 -1.89
CA LYS A 83 13.83 11.02 -1.61
C LYS A 83 12.84 11.18 -0.47
N PHE A 84 12.20 10.08 -0.04
CA PHE A 84 11.23 10.18 1.05
C PHE A 84 11.87 9.94 2.41
N ASN A 85 11.34 10.62 3.44
CA ASN A 85 11.76 10.46 4.83
C ASN A 85 10.52 10.49 5.73
N HIS A 86 9.98 9.30 5.99
CA HIS A 86 8.76 9.14 6.75
C HIS A 86 8.69 7.72 7.31
N GLN A 87 8.23 7.61 8.59
CA GLN A 87 8.11 6.38 9.33
C GLN A 87 7.20 5.38 8.60
N ASN A 88 6.22 5.87 7.80
CA ASN A 88 5.23 4.99 7.19
C ASN A 88 5.52 4.73 5.72
N ILE A 89 6.74 5.01 5.27
CA ILE A 89 7.22 4.65 3.94
C ILE A 89 8.54 3.89 4.10
N VAL A 90 8.63 2.73 3.44
CA VAL A 90 9.79 1.86 3.57
C VAL A 90 11.05 2.65 3.20
N ARG A 91 12.11 2.45 3.98
CA ARG A 91 13.41 3.08 3.74
C ARG A 91 14.15 2.36 2.62
N CYS A 92 14.93 3.12 1.86
CA CYS A 92 15.92 2.61 0.93
C CYS A 92 17.29 2.68 1.62
N ILE A 93 17.91 1.51 1.80
CA ILE A 93 19.21 1.35 2.43
C ILE A 93 20.31 1.77 1.44
N GLY A 94 20.06 1.48 0.16
CA GLY A 94 21.06 1.72 -0.87
C GLY A 94 20.72 0.94 -2.13
N VAL A 95 21.67 0.90 -3.06
CA VAL A 95 21.57 0.16 -4.30
C VAL A 95 22.92 -0.56 -4.51
N SER A 96 22.88 -1.63 -5.30
CA SER A 96 24.05 -2.21 -5.94
C SER A 96 23.71 -2.32 -7.43
N LEU A 97 23.98 -1.26 -8.17
CA LEU A 97 23.58 -1.21 -9.58
C LEU A 97 24.77 -1.36 -10.53
N GLN A 98 26.00 -1.36 -9.98
CA GLN A 98 27.19 -1.45 -10.81
C GLN A 98 27.54 -2.93 -11.03
N SER A 99 26.69 -3.82 -10.50
CA SER A 99 26.87 -5.26 -10.65
C SER A 99 25.55 -5.88 -11.09
N LEU A 100 25.61 -7.08 -11.70
CA LEU A 100 24.41 -7.76 -12.20
C LEU A 100 24.20 -9.08 -11.45
N PRO A 101 22.95 -9.43 -11.09
CA PRO A 101 21.77 -8.59 -11.37
C PRO A 101 21.73 -7.34 -10.49
N ARG A 102 20.97 -6.33 -10.93
CA ARG A 102 20.89 -5.06 -10.19
C ARG A 102 19.99 -5.23 -8.97
N PHE A 103 20.39 -4.60 -7.84
CA PHE A 103 19.67 -4.67 -6.59
C PHE A 103 19.26 -3.27 -6.12
N ILE A 104 18.04 -3.15 -5.60
CA ILE A 104 17.69 -2.10 -4.64
C ILE A 104 17.58 -2.76 -3.27
N LEU A 105 18.15 -2.11 -2.26
CA LEU A 105 18.15 -2.59 -0.88
C LEU A 105 17.17 -1.73 -0.07
N LEU A 106 16.20 -2.39 0.55
CA LEU A 106 15.06 -1.77 1.20
C LEU A 106 14.94 -2.34 2.60
N GLU A 107 14.26 -1.55 3.44
CA GLU A 107 13.87 -1.92 4.79
C GLU A 107 13.19 -3.28 4.74
N LEU A 108 13.62 -4.17 5.64
CA LEU A 108 13.07 -5.50 5.75
C LEU A 108 11.85 -5.43 6.65
N MET A 109 10.75 -5.98 6.13
CA MET A 109 9.45 -5.82 6.76
C MET A 109 8.99 -7.23 7.11
N ALA A 110 9.33 -7.66 8.33
CA ALA A 110 9.19 -9.04 8.75
C ALA A 110 7.74 -9.48 8.70
N GLY A 111 6.80 -8.57 8.97
CA GLY A 111 5.38 -8.91 8.98
C GLY A 111 4.82 -9.26 7.60
N GLY A 112 5.55 -8.93 6.51
CA GLY A 112 5.11 -9.20 5.16
C GLY A 112 4.04 -8.21 4.67
N ASP A 113 3.39 -8.54 3.56
CA ASP A 113 2.31 -7.73 3.00
C ASP A 113 1.07 -7.81 3.90
N LEU A 114 0.35 -6.68 3.95
CA LEU A 114 -0.86 -6.51 4.74
C LEU A 114 -1.98 -7.45 4.26
N LYS A 115 -2.15 -7.65 2.95
CA LYS A 115 -3.21 -8.56 2.49
C LYS A 115 -3.00 -9.97 3.06
N SER A 116 -1.82 -10.58 2.91
CA SER A 116 -1.59 -11.92 3.42
C SER A 116 -1.77 -11.95 4.93
N PHE A 117 -1.26 -10.93 5.59
CA PHE A 117 -1.39 -10.81 7.03
C PHE A 117 -2.85 -10.86 7.47
N LEU A 118 -3.74 -10.09 6.83
CA LEU A 118 -5.14 -10.06 7.26
C LEU A 118 -5.80 -11.42 7.02
N ARG A 119 -5.48 -12.08 5.91
CA ARG A 119 -6.02 -13.40 5.62
C ARG A 119 -5.56 -14.40 6.68
N GLU A 120 -4.26 -14.42 7.00
CA GLU A 120 -3.70 -15.45 7.86
C GLU A 120 -4.09 -15.23 9.31
N THR A 121 -4.55 -14.02 9.62
CA THR A 121 -4.73 -13.57 10.99
C THR A 121 -6.22 -13.43 11.27
N ARG A 122 -7.07 -13.81 10.32
CA ARG A 122 -8.51 -13.86 10.52
C ARG A 122 -8.80 -14.70 11.76
N PRO A 123 -9.57 -14.19 12.75
CA PRO A 123 -9.98 -15.01 13.88
C PRO A 123 -10.70 -16.25 13.35
N ARG A 124 -10.42 -17.41 13.93
CA ARG A 124 -11.08 -18.65 13.54
C ARG A 124 -11.58 -19.30 14.84
N PRO A 125 -12.65 -20.15 14.83
CA PRO A 125 -13.22 -20.64 16.08
C PRO A 125 -12.14 -21.25 16.95
N SER A 126 -11.16 -21.91 16.31
CA SER A 126 -10.01 -22.44 17.02
C SER A 126 -9.07 -21.31 17.43
N GLN A 127 -9.61 -20.13 17.77
CA GLN A 127 -8.77 -18.97 18.05
C GLN A 127 -9.53 -17.97 18.95
N SER A 130 -6.88 -13.07 18.57
CA SER A 130 -5.86 -12.45 17.70
C SER A 130 -6.18 -10.95 17.55
N LEU A 131 -6.65 -10.56 16.36
CA LEU A 131 -6.72 -9.16 15.96
C LEU A 131 -7.94 -8.50 16.57
N ALA A 132 -7.85 -7.18 16.82
CA ALA A 132 -9.00 -6.42 17.26
C ALA A 132 -9.21 -5.20 16.36
N MET A 133 -10.36 -4.55 16.51
CA MET A 133 -10.72 -3.37 15.74
C MET A 133 -9.64 -2.28 15.89
N LEU A 134 -9.10 -2.06 17.10
CA LEU A 134 -8.07 -1.03 17.24
C LEU A 134 -6.84 -1.37 16.41
N ASP A 135 -6.47 -2.65 16.29
CA ASP A 135 -5.34 -3.04 15.44
C ASP A 135 -5.53 -2.60 13.97
N LEU A 136 -6.74 -2.81 13.43
CA LEU A 136 -7.14 -2.44 12.07
C LEU A 136 -7.05 -0.93 11.92
N LEU A 137 -7.52 -0.21 12.94
CA LEU A 137 -7.52 1.24 12.90
C LEU A 137 -6.10 1.79 12.90
N HIS A 138 -5.20 1.17 13.66
CA HIS A 138 -3.79 1.57 13.67
C HIS A 138 -3.14 1.32 12.31
N VAL A 139 -3.44 0.19 11.63
CA VAL A 139 -2.93 -0.03 10.28
C VAL A 139 -3.41 1.08 9.33
N ALA A 140 -4.70 1.39 9.42
CA ALA A 140 -5.33 2.41 8.59
C ALA A 140 -4.67 3.76 8.83
N ARG A 141 -4.49 4.14 10.11
CA ARG A 141 -3.84 5.38 10.49
C ARG A 141 -2.42 5.47 9.93
N ASP A 142 -1.65 4.39 10.06
CA ASP A 142 -0.26 4.35 9.61
C ASP A 142 -0.19 4.65 8.10
N ILE A 143 -1.03 3.96 7.32
CA ILE A 143 -1.01 4.16 5.87
C ILE A 143 -1.54 5.56 5.53
N ALA A 144 -2.58 6.07 6.21
CA ALA A 144 -3.07 7.42 5.99
C ALA A 144 -1.97 8.46 6.22
N CYS A 145 -1.15 8.22 7.27
N CYS A 145 -1.18 8.21 7.29
CA CYS A 145 -0.05 9.10 7.64
CA CYS A 145 -0.04 9.05 7.65
C CYS A 145 1.00 9.10 6.53
C CYS A 145 0.98 9.09 6.52
N GLY A 146 1.33 7.91 6.01
CA GLY A 146 2.16 7.77 4.83
C GLY A 146 1.58 8.50 3.61
N CYS A 147 0.27 8.33 3.34
CA CYS A 147 -0.39 8.99 2.22
C CYS A 147 -0.40 10.51 2.40
N GLN A 148 -0.54 11.00 3.64
CA GLN A 148 -0.55 12.43 3.89
C GLN A 148 0.81 13.03 3.56
N TYR A 149 1.87 12.31 3.91
CA TYR A 149 3.22 12.71 3.57
C TYR A 149 3.44 12.79 2.05
N LEU A 150 3.04 11.74 1.33
CA LEU A 150 3.08 11.74 -0.13
C LEU A 150 2.29 12.91 -0.72
N GLU A 151 1.09 13.17 -0.22
CA GLU A 151 0.27 14.27 -0.74
C GLU A 151 0.96 15.61 -0.49
N GLU A 152 1.52 15.83 0.70
CA GLU A 152 2.10 17.14 1.00
C GLU A 152 3.43 17.30 0.26
N ASN A 153 4.01 16.21 -0.24
CA ASN A 153 5.17 16.26 -1.11
C ASN A 153 4.81 16.08 -2.59
N HIS A 154 3.53 16.24 -2.96
CA HIS A 154 3.01 16.24 -4.33
C HIS A 154 3.34 14.97 -5.09
N PHE A 155 3.34 13.82 -4.41
CA PHE A 155 3.62 12.56 -5.06
C PHE A 155 2.31 11.78 -5.16
N ILE A 156 2.00 11.23 -6.34
CA ILE A 156 0.81 10.40 -6.52
C ILE A 156 1.23 8.95 -6.65
N HIS A 157 0.82 8.11 -5.70
CA HIS A 157 1.29 6.74 -5.62
C HIS A 157 0.67 5.94 -6.75
N ARG A 158 -0.64 6.10 -6.95
CA ARG A 158 -1.41 5.47 -8.00
C ARG A 158 -1.73 4.00 -7.76
N ASP A 159 -1.22 3.36 -6.70
CA ASP A 159 -1.60 1.96 -6.46
C ASP A 159 -1.64 1.61 -4.96
N ILE A 160 -2.39 2.42 -4.20
CA ILE A 160 -2.61 2.15 -2.79
C ILE A 160 -3.57 0.95 -2.70
N ALA A 161 -3.13 -0.15 -2.09
CA ALA A 161 -3.86 -1.41 -2.00
C ALA A 161 -3.13 -2.22 -0.94
N ALA A 162 -3.82 -3.13 -0.25
CA ALA A 162 -3.29 -3.89 0.87
C ALA A 162 -2.05 -4.72 0.45
N ARG A 163 -2.04 -5.17 -0.81
CA ARG A 163 -0.91 -5.90 -1.40
C ARG A 163 0.38 -5.07 -1.42
N ASN A 164 0.26 -3.72 -1.45
CA ASN A 164 1.40 -2.80 -1.58
C ASN A 164 1.85 -2.21 -0.24
N CYS A 165 1.22 -2.65 0.86
CA CYS A 165 1.51 -2.20 2.20
C CYS A 165 2.22 -3.30 2.96
N LEU A 166 3.14 -2.96 3.86
CA LEU A 166 3.93 -3.97 4.55
C LEU A 166 3.89 -3.68 6.04
N LEU A 167 4.18 -4.72 6.83
CA LEU A 167 4.11 -4.64 8.27
C LEU A 167 5.47 -4.97 8.87
N THR A 168 5.88 -4.21 9.88
CA THR A 168 7.20 -4.41 10.46
C THR A 168 7.26 -5.78 11.12
N CYS A 169 6.15 -6.20 11.75
CA CYS A 169 6.07 -7.50 12.40
C CYS A 169 4.61 -7.90 12.62
N PRO A 170 4.30 -9.19 12.89
CA PRO A 170 2.90 -9.63 13.02
C PRO A 170 2.18 -9.19 14.29
N GLY A 171 2.94 -8.86 15.36
CA GLY A 171 2.39 -8.71 16.70
C GLY A 171 1.94 -7.29 17.06
N PRO A 172 1.52 -7.07 18.33
CA PRO A 172 0.95 -5.79 18.75
C PRO A 172 1.78 -4.52 18.52
N GLY A 173 3.09 -4.62 18.35
CA GLY A 173 3.89 -3.41 18.07
C GLY A 173 3.97 -3.03 16.59
N ARG A 174 3.16 -3.66 15.74
CA ARG A 174 3.36 -3.61 14.30
C ARG A 174 3.17 -2.18 13.78
N VAL A 175 3.94 -1.84 12.73
CA VAL A 175 3.82 -0.58 12.01
C VAL A 175 3.62 -0.95 10.53
N ALA A 176 2.60 -0.34 9.89
CA ALA A 176 2.32 -0.51 8.47
C ALA A 176 3.01 0.58 7.68
N LYS A 177 3.58 0.21 6.52
CA LYS A 177 4.26 1.18 5.69
C LYS A 177 3.90 0.92 4.24
N ILE A 178 3.97 1.96 3.41
CA ILE A 178 3.75 1.84 1.98
C ILE A 178 5.06 1.35 1.38
N GLY A 179 5.01 0.31 0.53
CA GLY A 179 6.18 -0.47 0.16
C GLY A 179 6.55 -0.43 -1.33
N ASP A 180 5.54 -0.43 -2.20
CA ASP A 180 5.72 -0.73 -3.61
C ASP A 180 5.51 0.53 -4.44
N PHE A 181 6.62 1.07 -4.96
CA PHE A 181 6.64 2.34 -5.67
C PHE A 181 6.92 2.05 -7.15
N GLY A 182 6.32 0.96 -7.65
CA GLY A 182 6.49 0.48 -9.02
C GLY A 182 5.50 1.11 -10.01
N MET A 183 4.21 1.20 -9.61
CA MET A 183 3.13 1.78 -10.42
C MET A 183 3.33 3.29 -10.66
N ALA A 184 3.71 4.03 -9.61
CA ALA A 184 4.06 5.44 -9.76
C ALA A 184 5.22 5.61 -10.74
N ARG A 185 6.16 4.66 -10.71
CA ARG A 185 7.39 4.67 -11.49
C ARG A 185 7.13 4.27 -12.95
N ASP A 186 6.08 3.48 -13.18
CA ASP A 186 5.69 3.16 -14.54
C ASP A 186 5.46 4.47 -15.28
N ILE A 187 4.84 5.44 -14.61
CA ILE A 187 4.62 6.76 -15.17
C ILE A 187 5.89 7.60 -14.97
N GLY A 196 2.34 -2.90 -19.77
CA GLY A 196 0.98 -2.58 -19.26
C GLY A 196 -0.08 -2.66 -20.36
N GLY A 197 -1.34 -2.52 -19.94
CA GLY A 197 -2.49 -2.52 -20.84
C GLY A 197 -3.79 -2.28 -20.06
N CYS A 198 -4.93 -2.43 -20.74
CA CYS A 198 -6.25 -2.25 -20.15
C CYS A 198 -6.44 -3.24 -18.99
N ALA A 199 -6.35 -4.54 -19.31
CA ALA A 199 -6.69 -5.63 -18.39
C ALA A 199 -5.71 -5.73 -17.21
N MET A 200 -4.62 -4.95 -17.24
CA MET A 200 -3.66 -4.89 -16.15
C MET A 200 -3.89 -3.70 -15.22
N LEU A 201 -4.87 -2.84 -15.52
CA LEU A 201 -5.14 -1.70 -14.63
C LEU A 201 -5.76 -2.21 -13.33
N PRO A 202 -5.32 -1.74 -12.15
CA PRO A 202 -6.00 -2.11 -10.89
C PRO A 202 -7.34 -1.37 -10.74
N VAL A 203 -8.29 -1.63 -11.64
CA VAL A 203 -9.49 -0.82 -11.74
C VAL A 203 -10.33 -0.87 -10.46
N LYS A 204 -10.26 -1.97 -9.71
CA LYS A 204 -11.03 -2.11 -8.47
C LYS A 204 -10.57 -1.11 -7.41
N TRP A 205 -9.40 -0.51 -7.60
CA TRP A 205 -8.85 0.48 -6.68
C TRP A 205 -8.92 1.90 -7.25
N MET A 206 -9.50 2.08 -8.46
CA MET A 206 -9.38 3.38 -9.12
C MET A 206 -10.70 4.10 -9.18
N PRO A 207 -10.65 5.44 -9.01
CA PRO A 207 -11.81 6.27 -9.20
C PRO A 207 -12.17 6.38 -10.68
N PRO A 208 -13.42 6.77 -10.98
CA PRO A 208 -13.89 6.90 -12.34
C PRO A 208 -13.01 7.75 -13.26
N GLU A 209 -12.56 8.96 -12.85
CA GLU A 209 -11.72 9.81 -13.69
C GLU A 209 -10.36 9.15 -14.00
N ALA A 210 -9.86 8.32 -13.09
CA ALA A 210 -8.67 7.53 -13.36
C ALA A 210 -8.95 6.47 -14.42
N PHE A 211 -9.96 5.61 -14.27
CA PHE A 211 -10.11 4.53 -15.25
C PHE A 211 -10.78 5.00 -16.55
N MET A 212 -11.57 6.07 -16.53
CA MET A 212 -12.21 6.58 -17.74
C MET A 212 -11.29 7.55 -18.50
N GLU A 213 -10.54 8.41 -17.80
CA GLU A 213 -9.90 9.56 -18.44
C GLU A 213 -8.39 9.53 -18.27
N GLY A 214 -7.89 8.57 -17.49
CA GLY A 214 -6.48 8.53 -17.13
C GLY A 214 -6.07 9.75 -16.32
N ILE A 215 -6.98 10.37 -15.58
CA ILE A 215 -6.61 11.53 -14.74
C ILE A 215 -6.17 11.02 -13.36
N PHE A 216 -5.00 11.46 -12.89
CA PHE A 216 -4.46 11.12 -11.57
C PHE A 216 -4.11 12.40 -10.82
N THR A 217 -4.63 12.51 -9.59
CA THR A 217 -4.37 13.60 -8.67
C THR A 217 -4.18 12.98 -7.27
N SER A 218 -3.97 13.82 -6.25
CA SER A 218 -4.01 13.44 -4.85
C SER A 218 -5.33 12.76 -4.49
N LYS A 219 -6.40 13.16 -5.19
CA LYS A 219 -7.73 12.65 -4.90
C LYS A 219 -7.94 11.24 -5.44
N THR A 220 -7.10 10.82 -6.39
CA THR A 220 -7.02 9.43 -6.85
C THR A 220 -6.63 8.51 -5.72
N ASP A 221 -5.56 8.91 -5.02
CA ASP A 221 -5.04 8.12 -3.92
C ASP A 221 -6.08 8.10 -2.78
N THR A 222 -6.88 9.17 -2.60
CA THR A 222 -7.95 9.15 -1.62
C THR A 222 -8.95 8.03 -1.92
N TRP A 223 -9.40 7.93 -3.17
CA TRP A 223 -10.32 6.87 -3.55
C TRP A 223 -9.75 5.48 -3.20
N SER A 224 -8.51 5.25 -3.66
CA SER A 224 -7.78 4.01 -3.42
C SER A 224 -7.67 3.68 -1.94
N PHE A 225 -7.42 4.71 -1.13
CA PHE A 225 -7.35 4.55 0.30
C PHE A 225 -8.66 4.01 0.86
N GLY A 226 -9.78 4.53 0.34
CA GLY A 226 -11.13 4.04 0.68
C GLY A 226 -11.27 2.54 0.44
N VAL A 227 -10.83 2.07 -0.74
CA VAL A 227 -10.83 0.66 -1.08
C VAL A 227 -9.88 -0.10 -0.14
N LEU A 228 -8.68 0.41 0.15
CA LEU A 228 -7.78 -0.24 1.10
C LEU A 228 -8.48 -0.39 2.46
N LEU A 229 -9.19 0.63 2.91
CA LEU A 229 -9.90 0.56 4.18
C LEU A 229 -10.87 -0.62 4.21
N TRP A 230 -11.59 -0.79 3.09
CA TRP A 230 -12.51 -1.90 2.92
C TRP A 230 -11.76 -3.22 3.02
N GLU A 231 -10.64 -3.30 2.30
CA GLU A 231 -9.77 -4.47 2.38
C GLU A 231 -9.37 -4.73 3.84
N ILE A 232 -9.02 -3.70 4.63
CA ILE A 232 -8.60 -3.90 6.00
C ILE A 232 -9.77 -4.42 6.85
N PHE A 233 -10.90 -3.73 6.80
CA PHE A 233 -12.02 -4.05 7.67
C PHE A 233 -12.77 -5.31 7.22
N SER A 234 -12.55 -5.78 5.98
CA SER A 234 -13.07 -7.08 5.54
C SER A 234 -12.14 -8.23 5.93
N LEU A 235 -10.94 -7.89 6.47
CA LEU A 235 -9.87 -8.82 6.76
C LEU A 235 -9.39 -9.51 5.49
N GLY A 236 -9.06 -8.70 4.47
CA GLY A 236 -8.29 -9.16 3.34
C GLY A 236 -9.13 -9.81 2.25
N TYR A 237 -10.42 -9.49 2.18
CA TYR A 237 -11.19 -9.91 1.01
C TYR A 237 -10.77 -9.08 -0.18
N MET A 238 -10.94 -9.67 -1.38
CA MET A 238 -10.89 -8.95 -2.64
C MET A 238 -12.07 -7.99 -2.71
N PRO A 239 -11.84 -6.71 -3.05
CA PRO A 239 -12.92 -5.77 -3.31
C PRO A 239 -13.93 -6.22 -4.36
N TYR A 240 -15.19 -5.76 -4.24
CA TYR A 240 -16.26 -6.07 -5.19
C TYR A 240 -16.31 -7.60 -5.38
N PRO A 241 -16.54 -8.35 -4.28
CA PRO A 241 -16.50 -9.82 -4.31
C PRO A 241 -17.42 -10.33 -5.42
N SER A 242 -16.86 -11.14 -6.32
CA SER A 242 -17.67 -11.79 -7.34
C SER A 242 -18.10 -10.83 -8.44
N LYS A 243 -17.56 -9.60 -8.47
CA LYS A 243 -17.64 -8.79 -9.67
C LYS A 243 -16.32 -8.89 -10.40
N SER A 244 -16.40 -8.92 -11.73
CA SER A 244 -15.26 -8.77 -12.60
C SER A 244 -14.91 -7.29 -12.76
N ASN A 245 -13.75 -7.01 -13.39
CA ASN A 245 -13.27 -5.66 -13.64
C ASN A 245 -14.30 -4.88 -14.45
N GLN A 246 -14.85 -5.45 -15.53
CA GLN A 246 -15.76 -4.69 -16.40
C GLN A 246 -17.05 -4.38 -15.62
N GLU A 247 -17.53 -5.33 -14.81
CA GLU A 247 -18.73 -5.07 -14.02
C GLU A 247 -18.48 -3.98 -13.00
N VAL A 248 -17.28 -3.95 -12.39
CA VAL A 248 -16.94 -2.94 -11.40
C VAL A 248 -16.95 -1.56 -12.05
N LEU A 249 -16.33 -1.48 -13.21
CA LEU A 249 -16.28 -0.29 -14.04
C LEU A 249 -17.69 0.27 -14.27
N GLU A 250 -18.63 -0.58 -14.70
CA GLU A 250 -20.00 -0.18 -14.94
C GLU A 250 -20.73 0.17 -13.65
N PHE A 251 -20.48 -0.61 -12.60
CA PHE A 251 -21.10 -0.41 -11.30
C PHE A 251 -20.70 0.95 -10.72
N VAL A 252 -19.38 1.18 -10.67
CA VAL A 252 -18.83 2.37 -10.04
C VAL A 252 -19.24 3.61 -10.83
N THR A 253 -19.14 3.54 -12.16
CA THR A 253 -19.54 4.63 -13.04
C THR A 253 -21.00 5.03 -12.81
N SER A 254 -21.86 4.07 -12.51
CA SER A 254 -23.28 4.27 -12.27
C SER A 254 -23.61 4.76 -10.86
N GLY A 255 -22.62 4.96 -10.00
CA GLY A 255 -22.88 5.35 -8.62
C GLY A 255 -22.83 4.18 -7.62
N GLY A 256 -22.59 2.94 -8.09
CA GLY A 256 -22.58 1.80 -7.20
C GLY A 256 -21.33 1.85 -6.30
N ARG A 257 -21.48 1.47 -5.03
CA ARG A 257 -20.41 1.40 -4.03
C ARG A 257 -20.52 0.09 -3.22
N MET A 258 -19.39 -0.40 -2.69
CA MET A 258 -19.40 -1.58 -1.84
C MET A 258 -20.25 -1.31 -0.60
N ASP A 259 -20.92 -2.37 -0.14
CA ASP A 259 -21.50 -2.38 1.19
C ASP A 259 -20.43 -2.51 2.26
N PRO A 260 -20.76 -2.21 3.53
CA PRO A 260 -19.75 -2.26 4.58
C PRO A 260 -19.25 -3.70 4.71
N PRO A 261 -17.98 -3.93 5.07
CA PRO A 261 -17.50 -5.26 5.42
C PRO A 261 -18.26 -5.73 6.67
N LYS A 262 -18.36 -7.04 6.82
CA LYS A 262 -19.10 -7.63 7.93
C LYS A 262 -18.59 -7.05 9.26
N ASN A 263 -19.53 -6.53 10.08
CA ASN A 263 -19.32 -5.99 11.43
C ASN A 263 -18.63 -4.62 11.39
N CYS A 264 -18.43 -4.05 10.20
CA CYS A 264 -17.74 -2.78 10.07
C CYS A 264 -18.48 -1.71 10.87
N PRO A 265 -17.83 -0.98 11.80
CA PRO A 265 -18.50 0.16 12.43
C PRO A 265 -18.91 1.26 11.45
N GLY A 266 -20.00 1.94 11.78
CA GLY A 266 -20.53 2.97 10.91
C GLY A 266 -19.54 4.10 10.65
N PRO A 267 -18.87 4.65 11.69
CA PRO A 267 -17.87 5.70 11.49
C PRO A 267 -16.75 5.35 10.49
N VAL A 268 -16.39 4.07 10.43
CA VAL A 268 -15.35 3.61 9.51
C VAL A 268 -15.90 3.53 8.09
N TYR A 269 -17.10 2.94 7.93
CA TYR A 269 -17.75 2.86 6.63
C TYR A 269 -17.97 4.26 6.05
N ARG A 270 -18.27 5.23 6.92
CA ARG A 270 -18.52 6.60 6.52
C ARG A 270 -17.25 7.20 5.92
N ILE A 271 -16.07 6.85 6.44
CA ILE A 271 -14.84 7.34 5.85
C ILE A 271 -14.71 6.77 4.43
N MET A 272 -14.98 5.48 4.27
CA MET A 272 -14.90 4.84 2.96
C MET A 272 -15.79 5.55 1.96
N THR A 273 -17.07 5.81 2.31
CA THR A 273 -18.01 6.39 1.37
C THR A 273 -17.64 7.85 1.03
N GLN A 274 -16.97 8.55 1.94
CA GLN A 274 -16.44 9.88 1.62
C GLN A 274 -15.24 9.81 0.66
N CYS A 275 -14.34 8.82 0.81
CA CYS A 275 -13.23 8.61 -0.12
C CYS A 275 -13.73 8.27 -1.53
N TRP A 276 -14.90 7.66 -1.62
CA TRP A 276 -15.52 7.27 -2.89
C TRP A 276 -16.59 8.26 -3.40
N GLN A 277 -16.56 9.55 -3.00
CA GLN A 277 -17.41 10.54 -3.64
C GLN A 277 -17.06 10.61 -5.13
N HIS A 278 -18.10 10.72 -5.96
CA HIS A 278 -17.95 10.64 -7.40
C HIS A 278 -17.03 11.75 -7.93
N GLN A 279 -17.21 12.98 -7.45
CA GLN A 279 -16.39 14.12 -7.82
C GLN A 279 -15.17 14.25 -6.90
N PRO A 280 -13.94 14.28 -7.46
CA PRO A 280 -12.72 14.37 -6.65
C PRO A 280 -12.73 15.50 -5.63
N GLU A 281 -13.34 16.65 -5.96
CA GLU A 281 -13.33 17.80 -5.07
C GLU A 281 -14.21 17.53 -3.86
N ASP A 282 -15.08 16.50 -3.90
CA ASP A 282 -15.90 16.18 -2.74
C ASP A 282 -15.22 15.14 -1.85
N ARG A 283 -14.08 14.60 -2.27
CA ARG A 283 -13.35 13.60 -1.50
C ARG A 283 -12.45 14.35 -0.52
N PRO A 284 -12.30 13.82 0.72
CA PRO A 284 -11.38 14.42 1.71
C PRO A 284 -9.90 14.26 1.35
N ASN A 285 -9.08 15.22 1.76
CA ASN A 285 -7.64 15.08 1.72
C ASN A 285 -7.20 14.20 2.89
N PHE A 286 -5.90 13.89 2.96
CA PHE A 286 -5.45 12.89 3.91
C PHE A 286 -5.37 13.45 5.32
N ALA A 287 -5.26 14.79 5.46
CA ALA A 287 -5.33 15.40 6.78
C ALA A 287 -6.69 15.14 7.42
N ILE A 288 -7.74 15.29 6.62
CA ILE A 288 -9.10 15.06 7.06
C ILE A 288 -9.29 13.58 7.35
N ILE A 289 -8.82 12.72 6.45
CA ILE A 289 -8.96 11.29 6.66
C ILE A 289 -8.30 10.87 7.98
N LEU A 290 -7.06 11.34 8.22
CA LEU A 290 -6.34 11.06 9.45
C LEU A 290 -7.12 11.52 10.67
N GLU A 291 -7.69 12.72 10.61
CA GLU A 291 -8.52 13.22 11.69
C GLU A 291 -9.69 12.30 12.01
N ARG A 292 -10.35 11.79 10.94
CA ARG A 292 -11.53 10.96 11.09
C ARG A 292 -11.13 9.58 11.60
N ILE A 293 -10.01 9.03 11.12
CA ILE A 293 -9.54 7.78 11.67
C ILE A 293 -9.22 7.93 13.16
N GLU A 294 -8.61 9.06 13.54
CA GLU A 294 -8.23 9.28 14.94
C GLU A 294 -9.48 9.35 15.83
N TYR A 295 -10.54 10.00 15.35
CA TYR A 295 -11.80 10.05 16.06
C TYR A 295 -12.36 8.63 16.29
N CYS A 296 -12.26 7.77 15.27
CA CYS A 296 -12.72 6.39 15.37
C CYS A 296 -11.99 5.66 16.50
N THR A 297 -10.67 5.92 16.66
CA THR A 297 -9.86 5.22 17.64
C THR A 297 -10.23 5.68 19.05
N GLN A 298 -10.88 6.84 19.16
CA GLN A 298 -11.29 7.39 20.45
C GLN A 298 -12.69 6.95 20.86
N ASP A 299 -13.47 6.34 19.96
CA ASP A 299 -14.85 5.96 20.24
C ASP A 299 -14.88 4.53 20.78
N PRO A 300 -15.20 4.29 22.08
CA PRO A 300 -15.26 2.92 22.60
C PRO A 300 -16.22 2.02 21.82
N ASP A 301 -17.35 2.56 21.35
CA ASP A 301 -18.31 1.77 20.55
C ASP A 301 -17.72 1.28 19.23
N VAL A 302 -16.71 1.97 18.68
CA VAL A 302 -16.02 1.49 17.50
C VAL A 302 -15.05 0.40 17.90
N ILE A 303 -14.13 0.73 18.81
CA ILE A 303 -13.04 -0.18 19.11
C ILE A 303 -13.49 -1.41 19.91
N ASN A 304 -14.64 -1.38 20.57
CA ASN A 304 -15.14 -2.58 21.25
C ASN A 304 -15.94 -3.52 20.31
N THR A 305 -16.08 -3.17 19.03
CA THR A 305 -16.76 -4.04 18.07
C THR A 305 -15.92 -5.29 17.83
N ALA A 306 -16.55 -6.47 17.92
CA ALA A 306 -15.84 -7.73 17.66
C ALA A 306 -15.75 -7.96 16.15
N LEU A 307 -14.65 -8.57 15.72
CA LEU A 307 -14.47 -8.96 14.34
C LEU A 307 -15.29 -10.23 14.06
N PRO A 308 -15.74 -10.49 12.81
CA PRO A 308 -16.43 -11.73 12.49
C PRO A 308 -15.46 -12.92 12.48
N ILE A 309 -15.95 -14.12 12.84
CA ILE A 309 -15.10 -15.31 12.89
C ILE A 309 -15.49 -16.32 11.80
#